data_8CHI
#
_entry.id   8CHI
#
_cell.length_a   69.361
_cell.length_b   69.361
_cell.length_c   129.848
_cell.angle_alpha   90.000
_cell.angle_beta   90.000
_cell.angle_gamma   90.000
#
_symmetry.space_group_name_H-M   'P 41 21 2'
#
loop_
_entity.id
_entity.type
_entity.pdbx_description
1 polymer 'Peptidyl-prolyl cis-trans isomerase FKBP1A'
2 non-polymer (1S,5S,6R)-10-[S-[3,5-bis(chloranyl)phenyl]-N-methyl-sulfonimidoyl]-5-ethenyl-3-(pyridin-2-ylmethyl)-3,10-diazabicyclo[4.3.1]decan-2-one
3 non-polymer 'DIMETHYL SULFOXIDE'
4 water water
#
_entity_poly.entity_id   1
_entity_poly.type   'polypeptide(L)'
_entity_poly.pdbx_seq_one_letter_code
;GVQVETISPGDGRTFPKRGQTVVVHYTGMLEDGKKFDSSRDRNKPFKFMLGKQEVIRGWEEGVAQMSVGQRAKLTISPDY
AYGATGHPGIIPPHATLVFDVELLKLE
;
_entity_poly.pdbx_strand_id   A,B
#
# COMPACT_ATOMS: atom_id res chain seq x y z
N GLY A 1 -0.45 -5.82 6.70
CA GLY A 1 0.88 -5.55 6.14
C GLY A 1 1.47 -6.81 5.53
N VAL A 2 2.82 -6.89 5.55
CA VAL A 2 3.56 -8.02 5.05
C VAL A 2 4.54 -8.47 6.13
N GLN A 3 4.53 -9.77 6.41
CA GLN A 3 5.44 -10.43 7.33
C GLN A 3 6.42 -11.22 6.47
N VAL A 4 7.72 -11.11 6.77
CA VAL A 4 8.77 -11.79 6.04
C VAL A 4 9.40 -12.79 7.02
N GLU A 5 9.35 -14.06 6.68
CA GLU A 5 9.95 -15.11 7.47
C GLU A 5 11.05 -15.78 6.66
N THR A 6 12.28 -15.74 7.17
CA THR A 6 13.39 -16.23 6.38
C THR A 6 13.39 -17.74 6.38
N ILE A 7 13.61 -18.29 5.20
CA ILE A 7 13.73 -19.72 4.95
C ILE A 7 15.20 -20.06 4.78
N SER A 8 15.91 -19.25 4.01
CA SER A 8 17.34 -19.43 3.79
C SER A 8 17.96 -18.04 3.70
N PRO A 9 19.07 -17.74 4.41
CA PRO A 9 19.62 -16.39 4.45
C PRO A 9 20.25 -15.97 3.12
N GLY A 10 20.21 -14.68 2.88
CA GLY A 10 20.96 -14.10 1.79
C GLY A 10 22.30 -13.59 2.33
N ASP A 11 22.93 -12.65 1.64
CA ASP A 11 24.25 -12.20 2.01
C ASP A 11 24.17 -11.19 3.16
N GLY A 12 22.96 -10.72 3.51
CA GLY A 12 22.78 -9.78 4.61
C GLY A 12 23.27 -8.36 4.33
N ARG A 13 23.69 -8.06 3.08
CA ARG A 13 24.26 -6.76 2.78
C ARG A 13 23.76 -6.14 1.48
N THR A 14 23.31 -6.95 0.51
CA THR A 14 22.94 -6.45 -0.80
C THR A 14 21.42 -6.50 -0.95
N PHE A 15 20.77 -5.34 -0.76
CA PHE A 15 19.31 -5.22 -0.74
C PHE A 15 18.89 -4.47 -1.99
N PRO A 16 17.69 -4.73 -2.52
CA PRO A 16 17.18 -3.99 -3.65
C PRO A 16 17.16 -2.48 -3.40
N LYS A 17 17.53 -1.73 -4.41
CA LYS A 17 17.51 -0.29 -4.36
C LYS A 17 16.57 0.23 -5.44
N ARG A 18 16.04 1.43 -5.18
CA ARG A 18 15.10 2.07 -6.08
C ARG A 18 15.68 2.10 -7.49
N GLY A 19 14.88 1.65 -8.48
CA GLY A 19 15.29 1.70 -9.87
C GLY A 19 16.05 0.46 -10.36
N GLN A 20 16.37 -0.47 -9.46
CA GLN A 20 17.00 -1.73 -9.88
C GLN A 20 15.95 -2.72 -10.38
N THR A 21 16.37 -3.62 -11.27
CA THR A 21 15.52 -4.74 -11.66
C THR A 21 15.75 -5.88 -10.70
N VAL A 22 14.69 -6.30 -9.98
CA VAL A 22 14.77 -7.38 -9.02
C VAL A 22 14.34 -8.67 -9.67
N VAL A 23 15.15 -9.71 -9.54
CA VAL A 23 14.93 -10.98 -10.23
C VAL A 23 14.69 -12.07 -9.21
N VAL A 24 13.51 -12.70 -9.30
CA VAL A 24 13.11 -13.64 -8.28
C VAL A 24 12.51 -14.90 -8.91
N HIS A 25 12.44 -15.96 -8.10
CA HIS A 25 11.49 -17.02 -8.39
C HIS A 25 10.50 -17.09 -7.24
N TYR A 26 9.23 -17.30 -7.57
CA TYR A 26 8.24 -17.37 -6.51
C TYR A 26 7.20 -18.46 -6.74
N THR A 27 6.50 -18.79 -5.65
CA THR A 27 5.25 -19.52 -5.70
C THR A 27 4.26 -18.82 -4.78
N GLY A 28 3.04 -18.58 -5.28
CA GLY A 28 2.02 -17.92 -4.49
C GLY A 28 0.86 -18.87 -4.21
N MET A 29 0.32 -18.74 -2.99
CA MET A 29 -0.78 -19.56 -2.55
C MET A 29 -1.70 -18.74 -1.65
N LEU A 30 -2.97 -19.13 -1.51
CA LEU A 30 -3.78 -18.54 -0.43
C LEU A 30 -3.24 -19.10 0.90
N GLU A 31 -3.34 -18.35 2.01
N GLU A 31 -3.40 -18.37 2.01
CA GLU A 31 -2.67 -18.73 3.25
CA GLU A 31 -2.70 -18.73 3.23
C GLU A 31 -3.19 -20.11 3.66
C GLU A 31 -3.19 -20.11 3.69
N ASP A 32 -2.23 -21.02 3.91
CA ASP A 32 -2.54 -22.38 4.34
C ASP A 32 -3.47 -23.09 3.35
N GLY A 33 -3.56 -22.62 2.10
CA GLY A 33 -4.48 -23.18 1.14
C GLY A 33 -3.82 -23.37 -0.23
N LYS A 34 -4.60 -23.14 -1.30
CA LYS A 34 -4.22 -23.59 -2.63
C LYS A 34 -3.30 -22.60 -3.34
N LYS A 35 -2.37 -23.17 -4.06
CA LYS A 35 -1.47 -22.47 -4.96
C LYS A 35 -2.24 -21.81 -6.09
N PHE A 36 -1.83 -20.59 -6.47
CA PHE A 36 -2.45 -19.93 -7.61
C PHE A 36 -1.44 -19.64 -8.73
N ASP A 37 -0.14 -19.63 -8.47
CA ASP A 37 0.83 -19.27 -9.53
C ASP A 37 2.25 -19.55 -9.05
N SER A 38 3.11 -19.94 -10.00
CA SER A 38 4.52 -20.05 -9.72
C SER A 38 5.34 -19.65 -10.95
N SER A 39 6.32 -18.75 -10.78
CA SER A 39 7.25 -18.46 -11.86
C SER A 39 8.04 -19.72 -12.21
N ARG A 40 8.22 -20.63 -11.25
CA ARG A 40 9.02 -21.82 -11.46
C ARG A 40 8.36 -22.72 -12.50
N ASP A 41 7.02 -22.65 -12.59
CA ASP A 41 6.25 -23.47 -13.53
C ASP A 41 6.49 -23.01 -14.96
N ARG A 42 6.97 -21.78 -15.16
CA ARG A 42 7.25 -21.21 -16.46
C ARG A 42 8.73 -21.27 -16.80
N ASN A 43 9.56 -21.83 -15.90
CA ASN A 43 11.03 -21.87 -16.03
C ASN A 43 11.60 -20.52 -16.47
N LYS A 44 11.04 -19.45 -15.90
CA LYS A 44 11.43 -18.10 -16.26
C LYS A 44 11.28 -17.27 -14.99
N PRO A 45 12.37 -16.72 -14.42
CA PRO A 45 12.26 -15.86 -13.24
C PRO A 45 11.38 -14.66 -13.56
N PHE A 46 10.81 -14.11 -12.51
CA PHE A 46 10.02 -12.91 -12.56
C PHE A 46 10.88 -11.72 -12.22
N LYS A 47 10.71 -10.65 -13.00
CA LYS A 47 11.45 -9.42 -12.78
C LYS A 47 10.49 -8.27 -12.59
N PHE A 48 10.88 -7.35 -11.71
CA PHE A 48 10.18 -6.08 -11.57
C PHE A 48 11.19 -5.04 -11.13
N MET A 49 10.88 -3.77 -11.39
CA MET A 49 11.74 -2.68 -11.00
C MET A 49 11.19 -2.04 -9.75
N LEU A 50 12.07 -2.00 -8.75
CA LEU A 50 11.70 -1.42 -7.48
C LEU A 50 11.43 0.07 -7.64
N GLY A 51 10.42 0.57 -6.94
CA GLY A 51 10.11 1.99 -6.93
C GLY A 51 9.19 2.47 -8.05
N LYS A 52 8.60 1.58 -8.85
CA LYS A 52 7.81 1.93 -10.02
C LYS A 52 6.36 1.46 -9.91
N GLN A 53 5.88 1.10 -8.70
CA GLN A 53 4.51 0.63 -8.51
C GLN A 53 4.15 -0.49 -9.50
N GLU A 54 5.06 -1.43 -9.69
CA GLU A 54 4.87 -2.53 -10.63
C GLU A 54 4.24 -3.76 -10.00
N VAL A 55 4.24 -3.85 -8.66
CA VAL A 55 3.76 -5.01 -7.93
C VAL A 55 2.88 -4.58 -6.76
N ILE A 56 2.13 -5.53 -6.19
CA ILE A 56 1.32 -5.27 -5.02
C ILE A 56 2.22 -4.77 -3.87
N ARG A 57 1.62 -4.03 -2.95
N ARG A 57 1.62 -3.99 -2.96
CA ARG A 57 2.35 -3.33 -1.90
CA ARG A 57 2.34 -3.34 -1.87
C ARG A 57 3.15 -4.29 -1.03
C ARG A 57 3.17 -4.31 -1.04
N GLY A 58 2.56 -5.44 -0.68
CA GLY A 58 3.26 -6.43 0.12
C GLY A 58 4.55 -6.92 -0.54
N TRP A 59 4.54 -7.07 -1.87
CA TRP A 59 5.77 -7.43 -2.58
C TRP A 59 6.81 -6.32 -2.49
N GLU A 60 6.37 -5.12 -2.85
CA GLU A 60 7.26 -3.97 -2.85
C GLU A 60 7.98 -3.83 -1.50
N GLU A 61 7.22 -3.92 -0.42
CA GLU A 61 7.79 -3.72 0.91
C GLU A 61 8.54 -4.98 1.40
N GLY A 62 8.00 -6.17 1.10
CA GLY A 62 8.55 -7.43 1.54
C GLY A 62 9.89 -7.79 0.87
N VAL A 63 9.90 -7.69 -0.46
CA VAL A 63 11.08 -8.07 -1.23
C VAL A 63 12.18 -7.08 -0.98
N ALA A 64 11.83 -5.80 -0.69
CA ALA A 64 12.85 -4.81 -0.39
C ALA A 64 13.65 -5.14 0.87
N GLN A 65 13.06 -5.94 1.78
CA GLN A 65 13.72 -6.31 3.01
C GLN A 65 14.62 -7.53 2.83
N MET A 66 14.66 -8.09 1.61
CA MET A 66 15.42 -9.31 1.35
C MET A 66 16.78 -8.97 0.76
N SER A 67 17.80 -9.77 1.15
CA SER A 67 19.12 -9.62 0.53
C SER A 67 19.33 -10.71 -0.53
N VAL A 68 20.26 -10.44 -1.46
CA VAL A 68 20.48 -11.35 -2.55
C VAL A 68 20.83 -12.75 -2.02
N GLY A 69 20.16 -13.74 -2.61
CA GLY A 69 20.27 -15.14 -2.30
C GLY A 69 19.26 -15.60 -1.24
N GLN A 70 18.55 -14.65 -0.59
CA GLN A 70 17.64 -15.02 0.48
C GLN A 70 16.44 -15.73 -0.13
N ARG A 71 15.90 -16.68 0.65
CA ARG A 71 14.60 -17.24 0.38
C ARG A 71 13.73 -16.93 1.60
N ALA A 72 12.49 -16.47 1.37
CA ALA A 72 11.63 -16.09 2.47
C ALA A 72 10.17 -16.34 2.14
N LYS A 73 9.35 -16.43 3.19
CA LYS A 73 7.91 -16.57 3.07
C LYS A 73 7.30 -15.22 3.40
N LEU A 74 6.58 -14.64 2.43
CA LEU A 74 5.90 -13.38 2.65
C LEU A 74 4.42 -13.65 2.86
N THR A 75 3.89 -13.26 4.01
CA THR A 75 2.47 -13.33 4.27
C THR A 75 1.88 -11.94 4.19
N ILE A 76 0.93 -11.75 3.25
CA ILE A 76 0.46 -10.45 2.85
C ILE A 76 -1.04 -10.34 3.09
N SER A 77 -1.41 -9.33 3.89
CA SER A 77 -2.81 -9.09 4.20
C SER A 77 -3.51 -8.56 2.95
N PRO A 78 -4.85 -8.65 2.86
CA PRO A 78 -5.52 -8.24 1.62
C PRO A 78 -5.32 -6.78 1.24
N ASP A 79 -5.26 -5.89 2.23
CA ASP A 79 -5.05 -4.49 1.93
C ASP A 79 -3.65 -4.21 1.36
N TYR A 80 -2.70 -5.14 1.55
CA TYR A 80 -1.37 -5.05 0.91
C TYR A 80 -1.29 -5.90 -0.36
N ALA A 81 -2.42 -6.46 -0.83
CA ALA A 81 -2.44 -7.35 -1.98
C ALA A 81 -3.58 -6.89 -2.89
N TYR A 82 -4.65 -7.69 -3.02
CA TYR A 82 -5.71 -7.39 -3.98
C TYR A 82 -7.02 -6.93 -3.35
N GLY A 83 -7.03 -6.71 -2.03
CA GLY A 83 -8.07 -5.97 -1.36
C GLY A 83 -9.46 -6.63 -1.51
N ALA A 84 -10.45 -5.76 -1.49
CA ALA A 84 -11.83 -6.16 -1.34
C ALA A 84 -12.32 -6.83 -2.62
N THR A 85 -11.68 -6.60 -3.78
CA THR A 85 -12.23 -7.14 -5.03
C THR A 85 -11.46 -8.33 -5.59
N GLY A 86 -10.23 -8.59 -5.12
CA GLY A 86 -9.42 -9.67 -5.67
C GLY A 86 -8.98 -9.34 -7.10
N HIS A 87 -8.67 -10.39 -7.85
CA HIS A 87 -8.26 -10.23 -9.24
C HIS A 87 -8.91 -11.35 -10.05
N PRO A 88 -9.56 -11.05 -11.20
CA PRO A 88 -10.43 -12.03 -11.84
C PRO A 88 -9.72 -13.32 -12.16
N GLY A 89 -10.28 -14.44 -11.71
CA GLY A 89 -9.76 -15.73 -12.13
C GLY A 89 -8.58 -16.24 -11.33
N ILE A 90 -7.98 -15.41 -10.47
CA ILE A 90 -6.79 -15.84 -9.76
C ILE A 90 -6.84 -15.57 -8.25
N ILE A 91 -7.33 -14.41 -7.79
CA ILE A 91 -7.33 -14.10 -6.36
C ILE A 91 -8.73 -13.73 -5.95
N PRO A 92 -9.29 -14.41 -4.93
CA PRO A 92 -10.61 -14.03 -4.46
C PRO A 92 -10.64 -12.73 -3.69
N PRO A 93 -11.83 -12.18 -3.46
CA PRO A 93 -12.00 -11.02 -2.56
C PRO A 93 -11.44 -11.31 -1.17
N HIS A 94 -10.85 -10.27 -0.57
CA HIS A 94 -10.49 -10.26 0.84
C HIS A 94 -9.54 -11.39 1.25
N ALA A 95 -8.58 -11.72 0.38
CA ALA A 95 -7.71 -12.87 0.46
C ALA A 95 -6.35 -12.50 1.05
N THR A 96 -5.90 -13.30 2.01
CA THR A 96 -4.52 -13.22 2.51
C THR A 96 -3.64 -14.09 1.65
N LEU A 97 -2.54 -13.55 1.11
CA LEU A 97 -1.68 -14.32 0.21
C LEU A 97 -0.37 -14.69 0.89
N VAL A 98 0.19 -15.83 0.51
CA VAL A 98 1.51 -16.27 0.93
C VAL A 98 2.36 -16.55 -0.29
N PHE A 99 3.54 -15.91 -0.34
CA PHE A 99 4.47 -16.16 -1.41
C PHE A 99 5.79 -16.65 -0.83
N ASP A 100 6.27 -17.75 -1.42
CA ASP A 100 7.63 -18.21 -1.27
C ASP A 100 8.45 -17.48 -2.33
N VAL A 101 9.42 -16.65 -1.89
CA VAL A 101 10.18 -15.81 -2.82
C VAL A 101 11.67 -16.06 -2.62
N GLU A 102 12.39 -16.27 -3.73
CA GLU A 102 13.83 -16.40 -3.71
C GLU A 102 14.43 -15.25 -4.51
N LEU A 103 15.22 -14.41 -3.83
CA LEU A 103 15.81 -13.26 -4.51
C LEU A 103 17.10 -13.73 -5.17
N LEU A 104 17.07 -13.87 -6.50
CA LEU A 104 18.14 -14.49 -7.28
C LEU A 104 19.27 -13.50 -7.54
N LYS A 105 18.93 -12.27 -7.94
CA LYS A 105 19.92 -11.29 -8.30
C LYS A 105 19.25 -9.93 -8.47
N LEU A 106 20.09 -8.90 -8.53
CA LEU A 106 19.66 -7.56 -8.89
C LEU A 106 20.37 -7.23 -10.21
N GLU A 107 19.58 -6.82 -11.19
CA GLU A 107 20.02 -6.48 -12.54
C GLU A 107 19.85 -4.96 -12.76
N GLY B 1 -6.34 18.39 -8.37
CA GLY B 1 -5.94 18.77 -7.01
C GLY B 1 -6.74 17.99 -5.97
N VAL B 2 -6.89 18.62 -4.81
CA VAL B 2 -7.68 18.08 -3.73
C VAL B 2 -8.69 19.12 -3.27
N GLN B 3 -9.95 18.69 -3.18
CA GLN B 3 -11.04 19.47 -2.64
C GLN B 3 -11.39 18.91 -1.27
N VAL B 4 -11.52 19.81 -0.28
CA VAL B 4 -11.85 19.44 1.09
C VAL B 4 -13.24 20.00 1.39
N GLU B 5 -14.15 19.11 1.76
CA GLU B 5 -15.45 19.51 2.25
C GLU B 5 -15.59 19.12 3.70
N THR B 6 -15.87 20.10 4.55
CA THR B 6 -15.96 19.84 5.96
C THR B 6 -17.27 19.14 6.26
N ILE B 7 -17.17 18.09 7.06
CA ILE B 7 -18.30 17.37 7.56
C ILE B 7 -18.59 17.81 8.98
N SER B 8 -17.53 17.90 9.80
CA SER B 8 -17.62 18.32 11.18
C SER B 8 -16.37 19.16 11.47
N PRO B 9 -16.50 20.37 12.07
CA PRO B 9 -15.36 21.28 12.17
C PRO B 9 -14.31 20.77 13.17
N GLY B 10 -13.07 21.19 12.97
CA GLY B 10 -12.06 20.99 13.97
C GLY B 10 -11.95 22.25 14.83
N ASP B 11 -10.86 22.36 15.61
CA ASP B 11 -10.76 23.44 16.58
C ASP B 11 -10.34 24.76 15.93
N GLY B 12 -9.98 24.74 14.65
CA GLY B 12 -9.57 25.94 13.91
C GLY B 12 -8.24 26.55 14.34
N ARG B 13 -7.47 25.81 15.15
CA ARG B 13 -6.24 26.35 15.72
C ARG B 13 -5.06 25.38 15.67
N THR B 14 -5.33 24.08 15.83
CA THR B 14 -4.26 23.09 15.92
C THR B 14 -4.15 22.33 14.59
N PHE B 15 -3.19 22.76 13.74
CA PHE B 15 -3.02 22.19 12.41
C PHE B 15 -1.76 21.37 12.41
N PRO B 16 -1.66 20.29 11.58
CA PRO B 16 -0.44 19.53 11.52
C PRO B 16 0.76 20.36 11.12
N LYS B 17 1.90 20.18 11.78
CA LYS B 17 3.15 20.78 11.35
C LYS B 17 3.92 19.86 10.40
N ARG B 18 4.71 20.43 9.48
N ARG B 18 4.73 20.43 9.49
CA ARG B 18 5.65 19.61 8.73
CA ARG B 18 5.67 19.61 8.75
C ARG B 18 6.55 18.85 9.71
C ARG B 18 6.53 18.84 9.74
N GLY B 19 6.71 17.53 9.48
CA GLY B 19 7.53 16.68 10.31
C GLY B 19 6.79 16.14 11.54
N GLN B 20 5.50 16.42 11.68
CA GLN B 20 4.70 15.92 12.80
C GLN B 20 3.96 14.68 12.38
N THR B 21 3.81 13.75 13.33
CA THR B 21 2.96 12.58 13.11
C THR B 21 1.49 12.95 13.31
N VAL B 22 0.68 12.62 12.31
CA VAL B 22 -0.74 12.88 12.21
C VAL B 22 -1.46 11.55 12.35
N VAL B 23 -2.48 11.53 13.21
CA VAL B 23 -3.20 10.31 13.51
C VAL B 23 -4.65 10.50 13.03
N VAL B 24 -5.10 9.57 12.16
CA VAL B 24 -6.40 9.74 11.54
C VAL B 24 -7.12 8.39 11.49
N HIS B 25 -8.44 8.47 11.28
CA HIS B 25 -9.16 7.32 10.78
C HIS B 25 -9.75 7.72 9.43
N TYR B 26 -9.73 6.81 8.47
CA TYR B 26 -10.26 7.12 7.16
C TYR B 26 -10.98 5.93 6.53
N THR B 27 -11.79 6.28 5.54
N THR B 27 -11.81 6.28 5.54
CA THR B 27 -12.32 5.31 4.60
CA THR B 27 -12.36 5.35 4.58
C THR B 27 -12.14 5.89 3.20
C THR B 27 -12.08 5.91 3.20
N GLY B 28 -11.63 5.06 2.28
CA GLY B 28 -11.41 5.50 0.92
C GLY B 28 -12.34 4.77 -0.06
N MET B 29 -12.76 5.49 -1.09
N MET B 29 -12.91 5.53 -1.01
CA MET B 29 -13.71 4.99 -2.06
CA MET B 29 -13.78 5.01 -2.07
C MET B 29 -13.31 5.46 -3.46
C MET B 29 -13.23 5.41 -3.43
N LEU B 30 -13.50 4.59 -4.46
CA LEU B 30 -13.37 5.03 -5.83
C LEU B 30 -14.63 5.81 -6.20
N GLU B 31 -14.61 6.54 -7.31
CA GLU B 31 -15.81 7.09 -7.95
C GLU B 31 -17.03 6.15 -7.97
N ASP B 32 -16.89 4.82 -8.15
CA ASP B 32 -18.05 3.92 -8.12
C ASP B 32 -18.79 4.02 -6.78
N GLY B 33 -18.13 4.52 -5.73
CA GLY B 33 -18.67 4.50 -4.38
C GLY B 33 -18.26 3.26 -3.58
N LYS B 34 -17.46 2.40 -4.22
CA LYS B 34 -17.01 1.18 -3.60
C LYS B 34 -15.81 1.52 -2.71
N LYS B 35 -15.91 1.15 -1.44
CA LYS B 35 -14.84 1.28 -0.47
C LYS B 35 -13.69 0.41 -0.92
N PHE B 36 -12.45 0.93 -0.89
CA PHE B 36 -11.32 0.09 -1.15
C PHE B 36 -10.48 -0.11 0.10
N ASP B 37 -10.65 0.72 1.15
CA ASP B 37 -9.91 0.49 2.39
C ASP B 37 -10.51 1.36 3.49
N SER B 38 -10.39 0.84 4.72
CA SER B 38 -10.84 1.59 5.89
C SER B 38 -9.97 1.26 7.09
N SER B 39 -9.35 2.27 7.72
CA SER B 39 -8.52 2.01 8.90
C SER B 39 -9.37 1.46 10.03
N ARG B 40 -10.65 1.83 10.08
CA ARG B 40 -11.49 1.36 11.18
C ARG B 40 -11.71 -0.15 11.11
N ASP B 41 -11.59 -0.74 9.93
CA ASP B 41 -11.70 -2.20 9.81
C ASP B 41 -10.63 -2.92 10.61
N ARG B 42 -9.45 -2.28 10.80
CA ARG B 42 -8.31 -2.87 11.46
C ARG B 42 -8.19 -2.49 12.92
N ASN B 43 -9.13 -1.67 13.42
CA ASN B 43 -9.14 -1.26 14.82
C ASN B 43 -7.85 -0.54 15.17
N LYS B 44 -7.32 0.22 14.19
CA LYS B 44 -6.01 0.83 14.34
C LYS B 44 -6.06 2.14 13.55
N PRO B 45 -5.86 3.31 14.17
CA PRO B 45 -5.74 4.54 13.39
C PRO B 45 -4.52 4.48 12.49
N PHE B 46 -4.58 5.24 11.40
CA PHE B 46 -3.46 5.40 10.52
C PHE B 46 -2.62 6.62 10.91
N LYS B 47 -1.31 6.43 10.88
CA LYS B 47 -0.38 7.51 11.21
C LYS B 47 0.54 7.73 10.02
N PHE B 48 0.82 9.01 9.78
CA PHE B 48 1.84 9.38 8.81
C PHE B 48 2.46 10.70 9.27
N MET B 49 3.67 10.93 8.79
CA MET B 49 4.36 12.18 9.12
C MET B 49 4.21 13.19 7.98
N LEU B 50 3.65 14.35 8.27
CA LEU B 50 3.35 15.36 7.25
C LEU B 50 4.64 15.88 6.63
N GLY B 51 4.65 16.01 5.30
CA GLY B 51 5.79 16.59 4.60
C GLY B 51 6.90 15.61 4.24
N LYS B 52 6.78 14.33 4.54
CA LYS B 52 7.82 13.35 4.30
C LYS B 52 7.53 12.58 3.01
N GLN B 53 6.47 12.98 2.30
CA GLN B 53 5.96 12.26 1.14
C GLN B 53 5.85 10.77 1.43
N GLU B 54 5.23 10.45 2.55
CA GLU B 54 4.85 9.07 2.88
C GLU B 54 3.45 8.75 2.36
N VAL B 55 2.70 9.77 1.93
CA VAL B 55 1.36 9.64 1.41
C VAL B 55 1.23 10.45 0.12
N ILE B 56 0.12 10.20 -0.60
CA ILE B 56 -0.13 10.87 -1.86
C ILE B 56 -0.30 12.36 -1.61
N ARG B 57 -0.03 13.13 -2.66
CA ARG B 57 -0.07 14.59 -2.63
C ARG B 57 -1.39 15.12 -2.12
N GLY B 58 -2.53 14.55 -2.57
CA GLY B 58 -3.82 14.99 -2.12
C GLY B 58 -3.97 14.89 -0.60
N TRP B 59 -3.39 13.88 0.01
CA TRP B 59 -3.39 13.73 1.47
C TRP B 59 -2.49 14.77 2.12
N GLU B 60 -1.26 14.91 1.63
CA GLU B 60 -0.30 15.87 2.19
C GLU B 60 -0.95 17.24 2.22
N GLU B 61 -1.60 17.64 1.12
CA GLU B 61 -2.13 18.99 1.03
C GLU B 61 -3.51 19.11 1.65
N GLY B 62 -4.32 18.04 1.60
CA GLY B 62 -5.68 18.06 2.10
C GLY B 62 -5.68 17.99 3.63
N VAL B 63 -4.90 17.05 4.18
CA VAL B 63 -4.87 16.87 5.63
C VAL B 63 -4.18 18.07 6.27
N ALA B 64 -3.24 18.71 5.58
CA ALA B 64 -2.63 19.94 6.12
C ALA B 64 -3.66 21.05 6.33
N GLN B 65 -4.79 21.06 5.63
CA GLN B 65 -5.82 22.07 5.81
C GLN B 65 -6.73 21.76 6.99
N MET B 66 -6.51 20.61 7.66
CA MET B 66 -7.43 20.15 8.67
C MET B 66 -6.88 20.48 10.06
N SER B 67 -7.80 20.78 10.99
CA SER B 67 -7.47 20.99 12.38
C SER B 67 -8.00 19.85 13.25
N VAL B 68 -7.39 19.69 14.42
CA VAL B 68 -7.74 18.58 15.30
C VAL B 68 -9.24 18.52 15.54
N GLY B 69 -9.79 17.31 15.40
CA GLY B 69 -11.20 17.05 15.57
C GLY B 69 -12.00 17.13 14.29
N GLN B 70 -11.41 17.66 13.21
CA GLN B 70 -12.13 17.86 11.97
C GLN B 70 -12.40 16.52 11.30
N ARG B 71 -13.59 16.40 10.72
CA ARG B 71 -13.93 15.34 9.80
C ARG B 71 -14.25 16.00 8.47
N ALA B 72 -13.67 15.46 7.37
CA ALA B 72 -13.77 16.08 6.07
C ALA B 72 -13.80 15.03 4.96
N LYS B 73 -14.35 15.42 3.81
CA LYS B 73 -14.31 14.59 2.62
C LYS B 73 -13.26 15.17 1.70
N LEU B 74 -12.24 14.34 1.38
CA LEU B 74 -11.22 14.77 0.44
C LEU B 74 -11.50 14.14 -0.91
N THR B 75 -11.70 14.96 -1.94
CA THR B 75 -11.84 14.46 -3.31
C THR B 75 -10.56 14.78 -4.07
N ILE B 76 -9.87 13.72 -4.51
CA ILE B 76 -8.52 13.81 -5.02
C ILE B 76 -8.44 13.32 -6.46
N SER B 77 -7.96 14.20 -7.32
CA SER B 77 -7.77 13.91 -8.72
C SER B 77 -6.64 12.92 -8.88
N PRO B 78 -6.60 12.14 -9.99
CA PRO B 78 -5.56 11.14 -10.11
C PRO B 78 -4.12 11.65 -10.07
N ASP B 79 -3.89 12.86 -10.61
CA ASP B 79 -2.54 13.40 -10.59
C ASP B 79 -2.08 13.76 -9.17
N TYR B 80 -3.02 13.89 -8.23
CA TYR B 80 -2.69 14.07 -6.81
C TYR B 80 -2.84 12.77 -6.01
N ALA B 81 -2.98 11.63 -6.72
CA ALA B 81 -3.06 10.31 -6.12
C ALA B 81 -2.06 9.39 -6.80
N TYR B 82 -2.54 8.34 -7.48
CA TYR B 82 -1.70 7.32 -8.09
C TYR B 82 -1.61 7.45 -9.62
N GLY B 83 -2.25 8.44 -10.20
CA GLY B 83 -1.95 8.87 -11.56
C GLY B 83 -2.37 7.83 -12.60
N ALA B 84 -1.63 7.85 -13.71
CA ALA B 84 -1.91 6.99 -14.84
C ALA B 84 -1.65 5.53 -14.48
N THR B 85 -0.65 5.28 -13.64
CA THR B 85 -0.21 3.93 -13.31
C THR B 85 -1.23 3.23 -12.38
N GLY B 86 -1.83 3.97 -11.47
CA GLY B 86 -2.61 3.34 -10.39
C GLY B 86 -1.66 2.63 -9.43
N HIS B 87 -2.22 1.72 -8.63
CA HIS B 87 -1.42 0.90 -7.75
C HIS B 87 -1.92 -0.52 -7.86
N PRO B 88 -1.06 -1.44 -8.30
CA PRO B 88 -1.47 -2.85 -8.46
C PRO B 88 -2.23 -3.35 -7.23
N GLY B 89 -3.33 -4.02 -7.52
CA GLY B 89 -4.10 -4.68 -6.48
C GLY B 89 -5.30 -3.90 -5.99
N ILE B 90 -5.19 -2.57 -5.98
CA ILE B 90 -6.13 -1.72 -5.22
C ILE B 90 -6.65 -0.53 -6.02
N ILE B 91 -5.79 0.22 -6.73
CA ILE B 91 -6.23 1.48 -7.29
C ILE B 91 -6.05 1.45 -8.80
N PRO B 92 -7.15 1.55 -9.54
CA PRO B 92 -7.04 1.53 -10.99
C PRO B 92 -6.27 2.72 -11.53
N PRO B 93 -5.77 2.60 -12.78
CA PRO B 93 -5.27 3.75 -13.53
C PRO B 93 -6.29 4.87 -13.56
N HIS B 94 -5.82 6.12 -13.50
CA HIS B 94 -6.65 7.29 -13.74
C HIS B 94 -7.76 7.45 -12.70
N ALA B 95 -7.57 7.03 -11.44
CA ALA B 95 -8.62 6.99 -10.43
C ALA B 95 -8.71 8.30 -9.62
N THR B 96 -9.88 8.94 -9.63
CA THR B 96 -10.29 9.97 -8.67
C THR B 96 -10.69 9.26 -7.38
N LEU B 97 -10.11 9.70 -6.24
CA LEU B 97 -10.40 9.06 -4.97
C LEU B 97 -11.21 9.98 -4.08
N VAL B 98 -12.06 9.40 -3.22
CA VAL B 98 -12.80 10.15 -2.23
C VAL B 98 -12.54 9.49 -0.87
N PHE B 99 -12.04 10.29 0.07
CA PHE B 99 -11.74 9.82 1.40
C PHE B 99 -12.56 10.57 2.44
N ASP B 100 -13.12 9.83 3.35
CA ASP B 100 -13.65 10.38 4.59
C ASP B 100 -12.49 10.32 5.59
N VAL B 101 -12.07 11.48 6.10
CA VAL B 101 -10.91 11.54 6.99
C VAL B 101 -11.29 12.26 8.30
N GLU B 102 -10.93 11.65 9.42
CA GLU B 102 -11.11 12.28 10.72
C GLU B 102 -9.73 12.50 11.36
N LEU B 103 -9.38 13.74 11.66
CA LEU B 103 -8.09 14.03 12.27
C LEU B 103 -8.26 13.93 13.79
N LEU B 104 -7.70 12.85 14.32
CA LEU B 104 -7.91 12.46 15.72
C LEU B 104 -6.92 13.17 16.65
N LYS B 105 -5.63 13.17 16.26
CA LYS B 105 -4.57 13.48 17.23
C LYS B 105 -3.35 13.95 16.41
N LEU B 106 -2.58 14.89 16.97
CA LEU B 106 -1.28 15.24 16.45
C LEU B 106 -0.27 14.91 17.53
N GLU B 107 0.78 14.19 17.17
CA GLU B 107 1.72 13.70 18.18
C GLU B 107 2.89 14.64 18.48
#